data_3PHJ
#
_entry.id   3PHJ
#
_cell.length_a   44.593
_cell.length_b   47.156
_cell.length_c   124.124
_cell.angle_alpha   90.00
_cell.angle_beta   97.63
_cell.angle_gamma   90.00
#
_symmetry.space_group_name_H-M   'P 1 21 1'
#
loop_
_entity.id
_entity.type
_entity.pdbx_description
1 polymer 'Shikimate dehydrogenase'
2 non-polymer 3-DEHYDROSHIKIMATE
3 water water
#
_entity_poly.entity_id   1
_entity_poly.type   'polypeptide(L)'
_entity_poly.pdbx_seq_one_letter_code
;MKLKSFGVFGNPIKHSKSPLIHNACFLTFQKELRFLGHYHPILLPLESHIKSEFLHLGLSGANVTLPFKERAFQVCDKIK
GIALECGAVNTLVLENDELVGYNTDALGFYLSLKQKNYQNALILGAGGSAKALACELKKQGLQVSVLNRSSRGLDFFQRL
GCDCFMEPPKSAFDLIINATSASLHNELPLNKEVLKGYFKEGKLAYDLAYGFLTPFLSLAKELKTPFQDGKDMLIYQAAL
SFEKFSASQIPYSKAFEVMRSVFHHHHHH
;
_entity_poly.pdbx_strand_id   A,B
#
# COMPACT_ATOMS: atom_id res chain seq x y z
N MET A 1 16.13 10.02 34.51
CA MET A 1 16.82 9.40 33.34
C MET A 1 16.30 10.02 32.01
N LYS A 2 16.59 9.34 30.89
CA LYS A 2 16.47 9.93 29.56
C LYS A 2 15.63 9.10 28.55
N LEU A 3 15.29 9.73 27.42
CA LEU A 3 14.42 9.13 26.40
C LEU A 3 15.19 8.65 25.18
N LYS A 4 14.90 7.43 24.74
CA LYS A 4 15.56 6.86 23.57
C LYS A 4 14.54 6.38 22.54
N SER A 5 14.71 6.82 21.29
CA SER A 5 13.78 6.51 20.20
C SER A 5 14.25 5.29 19.37
N PHE A 6 13.29 4.47 18.96
CA PHE A 6 13.57 3.27 18.16
C PHE A 6 12.45 3.15 17.15
N GLY A 7 12.59 2.26 16.18
CA GLY A 7 11.45 1.95 15.33
C GLY A 7 11.68 0.87 14.32
N VAL A 8 10.74 0.77 13.38
CA VAL A 8 10.81 -0.21 12.32
C VAL A 8 10.56 0.50 10.97
N PHE A 9 11.56 0.43 10.09
CA PHE A 9 11.48 0.99 8.74
C PHE A 9 10.88 -0.03 7.78
N GLY A 10 9.86 0.39 7.04
CA GLY A 10 9.15 -0.50 6.14
C GLY A 10 8.16 0.23 5.25
N ASN A 11 7.91 -0.35 4.08
CA ASN A 11 6.86 0.15 3.18
C ASN A 11 6.18 -1.03 2.49
N PRO A 12 4.96 -1.41 2.90
CA PRO A 12 4.10 -0.77 3.94
C PRO A 12 4.59 -1.08 5.37
N ILE A 13 3.97 -0.44 6.37
CA ILE A 13 4.32 -0.67 7.78
C ILE A 13 3.13 -0.78 8.77
N LYS A 14 1.92 -0.38 8.35
CA LYS A 14 0.67 -0.41 9.20
C LYS A 14 0.47 -1.65 10.05
N HIS A 15 0.64 -2.80 9.43
CA HIS A 15 0.35 -4.11 10.03
C HIS A 15 1.46 -4.70 10.92
N SER A 16 2.60 -4.03 11.03
CA SER A 16 3.71 -4.53 11.84
C SER A 16 3.40 -4.58 13.33
N LYS A 17 3.74 -5.70 13.95
CA LYS A 17 3.53 -5.88 15.39
C LYS A 17 4.82 -5.66 16.19
N SER A 18 5.89 -5.20 15.53
CA SER A 18 7.12 -4.86 16.25
C SER A 18 6.97 -3.78 17.33
N PRO A 19 6.26 -2.66 17.04
CA PRO A 19 6.06 -1.68 18.12
C PRO A 19 5.35 -2.24 19.37
N LEU A 20 4.34 -3.08 19.18
CA LEU A 20 3.64 -3.69 20.30
C LEU A 20 4.61 -4.46 21.19
N ILE A 21 5.36 -5.41 20.62
CA ILE A 21 6.22 -6.27 21.47
C ILE A 21 7.49 -5.57 21.97
N HIS A 22 7.99 -4.59 21.22
CA HIS A 22 9.16 -3.84 21.68
C HIS A 22 8.77 -2.83 22.77
N ASN A 23 7.60 -2.19 22.64
CA ASN A 23 7.17 -1.27 23.69
C ASN A 23 6.95 -1.98 25.03
N ALA A 24 6.41 -3.19 24.97
CA ALA A 24 6.27 -4.03 26.16
C ALA A 24 7.61 -4.26 26.87
N CYS A 25 8.66 -4.47 26.09
CA CYS A 25 9.99 -4.75 26.68
C CYS A 25 10.64 -3.50 27.22
N PHE A 26 10.52 -2.40 26.49
CA PHE A 26 11.04 -1.13 26.96
C PHE A 26 10.39 -0.68 28.30
N LEU A 27 9.08 -0.90 28.44
CA LEU A 27 8.40 -0.63 29.70
C LEU A 27 8.90 -1.58 30.80
N THR A 28 8.79 -2.89 30.56
CA THR A 28 9.13 -3.93 31.55
C THR A 28 10.56 -3.85 32.08
N PHE A 29 11.51 -3.57 31.20
CA PHE A 29 12.94 -3.60 31.56
C PHE A 29 13.57 -2.23 31.77
N GLN A 30 12.75 -1.22 32.08
CA GLN A 30 13.24 0.18 32.09
C GLN A 30 14.24 0.52 33.20
N LYS A 31 14.13 -0.16 34.35
CA LYS A 31 15.08 0.12 35.43
C LYS A 31 16.46 -0.48 35.17
N GLU A 32 16.51 -1.68 34.58
CA GLU A 32 17.78 -2.27 34.09
C GLU A 32 18.38 -1.47 32.93
N LEU A 33 17.53 -1.04 32.00
CA LEU A 33 17.98 -0.26 30.86
C LEU A 33 18.46 1.11 31.28
N ARG A 34 17.74 1.68 32.26
CA ARG A 34 18.07 3.00 32.78
C ARG A 34 17.90 4.05 31.67
N PHE A 35 16.89 3.83 30.83
CA PHE A 35 16.37 4.87 29.95
C PHE A 35 14.90 4.57 29.66
N LEU A 36 14.21 5.56 29.09
CA LEU A 36 12.81 5.44 28.66
C LEU A 36 12.79 5.20 27.14
N GLY A 37 12.51 3.95 26.76
CA GLY A 37 12.48 3.55 25.36
C GLY A 37 11.10 3.60 24.73
N HIS A 38 11.05 4.05 23.48
CA HIS A 38 9.80 4.04 22.71
C HIS A 38 10.08 3.66 21.26
N TYR A 39 9.24 2.78 20.72
CA TYR A 39 9.45 2.16 19.41
C TYR A 39 8.32 2.51 18.44
N HIS A 40 8.63 3.20 17.34
CA HIS A 40 7.60 3.64 16.37
C HIS A 40 7.62 2.85 15.06
N PRO A 41 6.45 2.65 14.43
CA PRO A 41 6.43 2.28 13.00
C PRO A 41 6.77 3.49 12.12
N ILE A 42 7.73 3.33 11.23
CA ILE A 42 8.15 4.41 10.38
C ILE A 42 8.00 4.01 8.93
N LEU A 43 6.99 4.57 8.27
CA LEU A 43 6.78 4.32 6.84
C LEU A 43 7.87 5.05 6.08
N LEU A 44 8.73 4.34 5.37
CA LEU A 44 9.75 5.03 4.57
C LEU A 44 9.36 5.13 3.10
N PRO A 45 9.53 6.31 2.51
CA PRO A 45 9.45 6.34 1.05
C PRO A 45 10.42 5.35 0.41
N LEU A 46 10.01 4.75 -0.70
CA LEU A 46 10.84 3.89 -1.52
C LEU A 46 12.17 4.56 -1.95
N GLU A 47 12.11 5.83 -2.36
CA GLU A 47 13.28 6.60 -2.81
C GLU A 47 14.23 6.99 -1.66
N SER A 48 13.90 6.61 -0.43
CA SER A 48 14.60 7.20 0.71
C SER A 48 15.87 6.48 1.20
N HIS A 49 16.67 7.19 1.96
CA HIS A 49 17.94 6.68 2.41
C HIS A 49 17.85 6.30 3.88
N ILE A 50 18.05 5.01 4.13
CA ILE A 50 17.86 4.46 5.47
C ILE A 50 18.78 5.11 6.48
N LYS A 51 20.06 5.25 6.13
CA LYS A 51 21.00 5.88 7.04
C LYS A 51 20.60 7.32 7.36
N SER A 52 20.27 8.11 6.34
CA SER A 52 19.97 9.52 6.56
C SER A 52 18.75 9.65 7.48
N GLU A 53 17.72 8.84 7.24
CA GLU A 53 16.50 8.96 8.03
C GLU A 53 16.75 8.51 9.46
N PHE A 54 17.49 7.40 9.63
CA PHE A 54 17.86 6.93 10.96
C PHE A 54 18.46 8.06 11.79
N LEU A 55 19.37 8.83 11.18
CA LEU A 55 20.12 9.89 11.85
C LEU A 55 19.26 11.14 12.09
N HIS A 56 18.49 11.52 11.06
CA HIS A 56 17.67 12.69 11.12
C HIS A 56 16.63 12.57 12.26
N LEU A 57 16.09 11.35 12.43
CA LEU A 57 15.10 11.05 13.46
C LEU A 57 15.72 10.87 14.86
N GLY A 58 17.05 10.80 14.90
CA GLY A 58 17.80 10.63 16.15
C GLY A 58 17.55 9.33 16.89
N LEU A 59 17.28 8.26 16.16
CA LEU A 59 16.99 6.96 16.76
C LEU A 59 18.24 6.42 17.39
N SER A 60 18.08 5.56 18.39
CA SER A 60 19.21 4.77 18.90
C SER A 60 19.27 3.36 18.30
N GLY A 61 18.14 2.84 17.85
CA GLY A 61 18.13 1.52 17.22
C GLY A 61 16.95 1.39 16.29
N ALA A 62 16.97 0.43 15.38
CA ALA A 62 15.79 0.18 14.56
C ALA A 62 15.73 -1.21 13.97
N ASN A 63 14.54 -1.60 13.55
CA ASN A 63 14.39 -2.75 12.71
C ASN A 63 14.06 -2.30 11.30
N VAL A 64 14.33 -3.19 10.33
CA VAL A 64 14.15 -2.94 8.92
C VAL A 64 13.37 -4.11 8.34
N THR A 65 12.31 -3.82 7.62
CA THR A 65 11.55 -4.84 6.94
C THR A 65 11.44 -4.59 5.47
N LEU A 66 10.57 -5.30 4.81
CA LEU A 66 10.31 -5.11 3.37
C LEU A 66 9.98 -3.66 2.96
N PRO A 67 10.61 -3.17 1.89
CA PRO A 67 11.58 -3.87 1.05
C PRO A 67 13.02 -3.38 1.21
N PHE A 68 13.43 -3.10 2.44
CA PHE A 68 14.66 -2.35 2.73
C PHE A 68 15.86 -3.14 3.28
N LYS A 69 15.76 -4.45 3.39
CA LYS A 69 16.79 -5.23 4.12
C LYS A 69 18.18 -5.29 3.45
N GLU A 70 18.20 -5.47 2.12
CA GLU A 70 19.45 -5.45 1.33
C GLU A 70 20.02 -4.03 1.29
N ARG A 71 19.18 -3.05 1.03
CA ARG A 71 19.61 -1.64 1.08
C ARG A 71 20.23 -1.27 2.45
N ALA A 72 19.61 -1.74 3.54
CA ALA A 72 20.18 -1.50 4.87
C ALA A 72 21.60 -2.01 4.94
N PHE A 73 21.84 -3.19 4.37
CA PHE A 73 23.17 -3.80 4.28
C PHE A 73 24.16 -2.90 3.52
N GLN A 74 23.76 -2.34 2.38
CA GLN A 74 24.66 -1.50 1.61
C GLN A 74 25.01 -0.19 2.31
N VAL A 75 24.10 0.37 3.12
CA VAL A 75 24.26 1.75 3.67
C VAL A 75 24.83 1.88 5.10
N CYS A 76 24.93 0.77 5.83
CA CYS A 76 25.56 0.79 7.16
C CYS A 76 27.06 1.16 7.07
N ASP A 77 27.56 1.92 8.03
CA ASP A 77 28.98 2.15 8.18
C ASP A 77 29.71 0.85 8.50
N LYS A 78 29.05 -0.06 9.23
CA LYS A 78 29.69 -1.29 9.71
C LYS A 78 28.66 -2.43 9.81
N ILE A 79 29.06 -3.63 9.42
CA ILE A 79 28.20 -4.79 9.50
C ILE A 79 28.91 -5.73 10.44
N LYS A 80 28.17 -6.33 11.38
CA LYS A 80 28.75 -7.33 12.28
C LYS A 80 27.88 -8.56 12.39
N GLY A 81 28.47 -9.66 12.88
CA GLY A 81 27.77 -10.93 13.10
C GLY A 81 27.37 -11.60 11.80
N ILE A 82 26.43 -12.52 11.87
CA ILE A 82 26.02 -13.31 10.71
C ILE A 82 25.51 -12.46 9.55
N ALA A 83 25.09 -11.22 9.83
CA ALA A 83 24.74 -10.29 8.75
C ALA A 83 25.80 -10.28 7.63
N LEU A 84 27.07 -10.53 7.98
CA LEU A 84 28.14 -10.41 6.99
C LEU A 84 27.96 -11.42 5.85
N GLU A 85 27.32 -12.55 6.15
CA GLU A 85 27.04 -13.60 5.18
C GLU A 85 25.63 -13.56 4.64
N CYS A 86 24.80 -12.67 5.20
CA CYS A 86 23.37 -12.62 4.87
C CYS A 86 23.04 -11.69 3.70
N GLY A 87 23.94 -10.77 3.41
CA GLY A 87 23.67 -9.76 2.37
C GLY A 87 22.47 -8.90 2.70
N ALA A 88 22.04 -8.90 3.95
CA ALA A 88 20.83 -8.22 4.38
C ALA A 88 20.95 -7.80 5.85
N VAL A 89 20.31 -6.68 6.20
CA VAL A 89 20.34 -6.18 7.58
C VAL A 89 18.91 -5.86 8.01
N ASN A 90 18.48 -6.39 9.16
CA ASN A 90 17.15 -6.10 9.68
C ASN A 90 17.22 -5.38 11.05
N THR A 91 18.43 -5.06 11.49
CA THR A 91 18.62 -4.51 12.80
C THR A 91 19.73 -3.46 12.75
N LEU A 92 19.43 -2.27 13.28
CA LEU A 92 20.31 -1.14 13.22
C LEU A 92 20.50 -0.67 14.64
N VAL A 93 21.76 -0.47 15.03
CA VAL A 93 22.11 0.12 16.30
C VAL A 93 23.14 1.22 16.07
N LEU A 94 23.01 2.31 16.81
CA LEU A 94 24.01 3.38 16.82
C LEU A 94 25.13 3.01 17.80
N GLU A 95 26.34 2.83 17.30
CA GLU A 95 27.43 2.40 18.15
C GLU A 95 28.64 3.26 17.86
N ASN A 96 29.18 3.89 18.91
CA ASN A 96 30.30 4.81 18.76
C ASN A 96 30.02 5.77 17.60
N ASP A 97 28.83 6.37 17.62
CA ASP A 97 28.43 7.31 16.57
C ASP A 97 28.54 6.81 15.12
N GLU A 98 28.42 5.50 14.95
CA GLU A 98 28.51 4.81 13.68
C GLU A 98 27.22 3.98 13.51
N LEU A 99 26.65 3.93 12.30
CA LEU A 99 25.49 3.05 12.05
C LEU A 99 25.89 1.60 11.81
N VAL A 100 25.57 0.75 12.77
CA VAL A 100 25.98 -0.64 12.73
C VAL A 100 24.80 -1.58 12.44
N GLY A 101 25.01 -2.53 11.52
CA GLY A 101 23.94 -3.40 11.03
C GLY A 101 24.12 -4.83 11.45
N TYR A 102 23.03 -5.47 11.89
CA TYR A 102 23.03 -6.87 12.27
C TYR A 102 21.88 -7.57 11.59
N ASN A 103 21.93 -8.90 11.61
CA ASN A 103 20.83 -9.70 11.15
C ASN A 103 20.35 -10.67 12.21
N THR A 104 19.07 -10.53 12.60
CA THR A 104 18.46 -11.45 13.56
C THR A 104 17.39 -12.35 12.93
N ASP A 105 17.13 -12.17 11.64
CA ASP A 105 16.28 -13.08 10.88
C ASP A 105 16.86 -14.48 10.84
N ALA A 106 18.19 -14.57 10.62
CA ALA A 106 18.79 -15.89 10.43
C ALA A 106 18.63 -16.77 11.65
N LEU A 107 18.96 -16.26 12.84
CA LEU A 107 18.82 -17.07 14.06
C LEU A 107 17.37 -17.16 14.51
N GLY A 108 16.62 -16.09 14.28
CA GLY A 108 15.23 -16.04 14.64
C GLY A 108 14.46 -17.12 13.90
N PHE A 109 14.78 -17.26 12.62
CA PHE A 109 14.23 -18.34 11.82
C PHE A 109 14.61 -19.73 12.35
N TYR A 110 15.90 -19.89 12.69
CA TYR A 110 16.41 -21.18 13.24
C TYR A 110 15.67 -21.52 14.53
N LEU A 111 15.45 -20.53 15.38
CA LEU A 111 14.77 -20.77 16.64
C LEU A 111 13.27 -21.15 16.44
N SER A 112 12.63 -20.57 15.42
CA SER A 112 11.22 -20.81 15.12
C SER A 112 10.95 -22.24 14.64
N LEU A 113 11.99 -22.91 14.13
CA LEU A 113 11.85 -24.21 13.50
C LEU A 113 11.91 -25.40 14.45
N LYS A 114 10.81 -26.14 14.58
CA LYS A 114 10.83 -27.34 15.42
C LYS A 114 11.76 -28.40 14.82
N TYR A 118 14.55 -32.40 8.57
CA TYR A 118 14.47 -31.77 7.24
C TYR A 118 15.82 -31.85 6.50
N GLN A 119 15.78 -32.40 5.29
CA GLN A 119 17.00 -32.67 4.50
C GLN A 119 17.31 -31.58 3.45
N ASN A 120 16.24 -30.98 2.89
CA ASN A 120 16.38 -29.97 1.85
C ASN A 120 15.23 -28.99 1.93
N ALA A 121 15.31 -27.93 1.14
CA ALA A 121 14.38 -26.83 1.24
C ALA A 121 14.19 -26.15 -0.12
N LEU A 122 13.01 -25.60 -0.36
CA LEU A 122 12.78 -24.72 -1.49
C LEU A 122 12.34 -23.38 -0.93
N ILE A 123 13.08 -22.34 -1.32
CA ILE A 123 12.77 -20.97 -0.96
C ILE A 123 12.18 -20.26 -2.18
N LEU A 124 11.04 -19.63 -1.95
CA LEU A 124 10.40 -18.79 -2.97
C LEU A 124 10.71 -17.36 -2.58
N GLY A 125 11.38 -16.63 -3.45
CA GLY A 125 11.77 -15.26 -3.14
C GLY A 125 13.27 -15.08 -3.19
N ALA A 126 13.67 -13.80 -3.26
CA ALA A 126 15.08 -13.46 -3.43
C ALA A 126 15.49 -12.20 -2.64
N GLY A 127 14.59 -11.71 -1.79
CA GLY A 127 14.91 -10.52 -1.03
C GLY A 127 15.63 -10.81 0.28
N GLY A 128 15.65 -9.81 1.15
CA GLY A 128 16.41 -9.86 2.40
C GLY A 128 16.13 -11.09 3.24
N SER A 129 14.84 -11.40 3.45
CA SER A 129 14.45 -12.53 4.27
C SER A 129 14.92 -13.85 3.65
N ALA A 130 14.66 -14.01 2.35
CA ALA A 130 15.13 -15.20 1.60
C ALA A 130 16.64 -15.38 1.72
N LYS A 131 17.37 -14.28 1.63
CA LYS A 131 18.83 -14.32 1.74
C LYS A 131 19.34 -14.88 3.08
N ALA A 132 18.81 -14.38 4.20
CA ALA A 132 19.13 -14.86 5.55
C ALA A 132 18.77 -16.32 5.79
N LEU A 133 17.62 -16.74 5.27
CA LEU A 133 17.16 -18.10 5.51
C LEU A 133 18.02 -19.12 4.74
N ALA A 134 18.44 -18.74 3.53
CA ALA A 134 19.30 -19.60 2.71
C ALA A 134 20.67 -19.72 3.39
N CYS A 135 21.22 -18.61 3.86
CA CYS A 135 22.43 -18.63 4.66
C CYS A 135 22.29 -19.59 5.88
N GLU A 136 21.23 -19.40 6.65
CA GLU A 136 21.02 -20.23 7.84
C GLU A 136 20.86 -21.70 7.48
N LEU A 137 20.07 -21.98 6.44
CA LEU A 137 19.80 -23.36 6.08
C LEU A 137 21.01 -24.06 5.49
N LYS A 138 21.82 -23.36 4.68
CA LYS A 138 23.08 -23.94 4.18
C LYS A 138 24.02 -24.24 5.32
N LYS A 139 24.12 -23.27 6.24
CA LYS A 139 24.82 -23.44 7.49
C LYS A 139 24.38 -24.71 8.26
N GLN A 140 23.13 -25.16 8.13
CA GLN A 140 22.74 -26.40 8.84
C GLN A 140 23.03 -27.71 8.10
N GLY A 141 23.58 -27.61 6.89
CA GLY A 141 23.84 -28.77 6.05
C GLY A 141 22.64 -29.27 5.24
N LEU A 142 21.66 -28.40 5.01
CA LEU A 142 20.54 -28.76 4.16
C LEU A 142 20.89 -28.41 2.73
N GLN A 143 20.33 -29.17 1.78
CA GLN A 143 20.35 -28.76 0.39
C GLN A 143 19.32 -27.64 0.22
N VAL A 144 19.68 -26.59 -0.50
CA VAL A 144 18.79 -25.44 -0.69
C VAL A 144 18.60 -25.06 -2.18
N SER A 145 17.32 -25.08 -2.61
CA SER A 145 16.94 -24.52 -3.90
C SER A 145 16.16 -23.22 -3.75
N VAL A 146 16.45 -22.25 -4.63
CA VAL A 146 15.78 -20.95 -4.61
C VAL A 146 15.02 -20.73 -5.93
N LEU A 147 13.76 -20.37 -5.85
CA LEU A 147 13.00 -20.16 -7.05
C LEU A 147 12.42 -18.74 -7.10
N ASN A 148 12.63 -18.09 -8.26
CA ASN A 148 12.19 -16.74 -8.54
C ASN A 148 11.84 -16.58 -10.02
N ARG A 149 11.20 -15.46 -10.39
CA ARG A 149 10.91 -15.26 -11.80
C ARG A 149 12.10 -14.69 -12.58
N SER A 150 12.86 -13.78 -11.97
CA SER A 150 14.02 -13.22 -12.67
C SER A 150 15.31 -13.91 -12.23
N SER A 151 16.44 -13.27 -12.52
CA SER A 151 17.74 -13.77 -12.08
C SER A 151 18.44 -12.87 -11.03
N ARG A 152 17.68 -11.97 -10.42
CA ARG A 152 18.21 -11.07 -9.37
C ARG A 152 18.58 -11.87 -8.10
N GLY A 153 19.81 -11.69 -7.63
CA GLY A 153 20.28 -12.44 -6.46
C GLY A 153 21.00 -13.72 -6.83
N LEU A 154 20.96 -14.11 -8.10
CA LEU A 154 21.75 -15.25 -8.54
C LEU A 154 23.09 -15.32 -7.79
N ASP A 155 23.94 -14.30 -7.92
CA ASP A 155 25.33 -14.36 -7.42
C ASP A 155 25.39 -14.78 -5.97
N PHE A 156 24.59 -14.09 -5.15
CA PHE A 156 24.49 -14.35 -3.75
C PHE A 156 24.16 -15.80 -3.41
N PHE A 157 23.11 -16.34 -4.00
CA PHE A 157 22.68 -17.69 -3.66
C PHE A 157 23.60 -18.74 -4.25
N GLN A 158 24.13 -18.47 -5.44
CA GLN A 158 25.05 -19.40 -6.07
C GLN A 158 26.36 -19.50 -5.27
N ARG A 159 26.87 -18.38 -4.77
CA ARG A 159 28.08 -18.42 -3.92
C ARG A 159 27.84 -19.14 -2.58
N LEU A 160 26.60 -19.09 -2.10
CA LEU A 160 26.19 -19.93 -0.97
C LEU A 160 26.22 -21.40 -1.34
N GLY A 161 26.16 -21.70 -2.63
CA GLY A 161 25.97 -23.08 -3.07
C GLY A 161 24.52 -23.55 -3.14
N CYS A 162 23.57 -22.61 -3.20
CA CYS A 162 22.18 -23.00 -3.48
C CYS A 162 22.00 -23.37 -4.96
N ASP A 163 21.09 -24.30 -5.25
CA ASP A 163 20.59 -24.54 -6.61
C ASP A 163 19.56 -23.45 -6.96
N CYS A 164 19.84 -22.67 -8.01
CA CYS A 164 18.93 -21.58 -8.42
C CYS A 164 18.13 -21.90 -9.69
N PHE A 165 16.85 -21.54 -9.65
CA PHE A 165 15.89 -21.90 -10.69
C PHE A 165 14.94 -20.74 -11.01
N MET A 166 14.47 -20.73 -12.25
CA MET A 166 13.36 -19.86 -12.67
C MET A 166 12.17 -20.71 -13.12
N GLU A 167 12.44 -21.93 -13.57
CA GLU A 167 11.41 -22.95 -13.72
C GLU A 167 11.35 -23.84 -12.48
N PRO A 168 10.14 -24.09 -11.96
CA PRO A 168 9.92 -24.89 -10.76
C PRO A 168 10.52 -26.26 -10.95
N PRO A 169 11.53 -26.60 -10.14
CA PRO A 169 12.15 -27.92 -10.27
C PRO A 169 11.14 -29.03 -9.99
N LYS A 170 11.17 -30.07 -10.82
CA LYS A 170 10.40 -31.28 -10.57
C LYS A 170 11.12 -32.16 -9.57
N SER A 171 10.94 -31.83 -8.29
CA SER A 171 11.63 -32.52 -7.22
C SER A 171 10.83 -32.44 -5.89
N ALA A 172 11.17 -33.31 -4.94
CA ALA A 172 10.55 -33.25 -3.64
C ALA A 172 11.40 -32.39 -2.68
N PHE A 173 10.73 -31.61 -1.82
CA PHE A 173 11.41 -30.79 -0.81
C PHE A 173 10.70 -30.98 0.52
N ASP A 174 11.48 -31.02 1.61
CA ASP A 174 10.91 -31.15 2.95
C ASP A 174 10.26 -29.85 3.35
N LEU A 175 11.02 -28.75 3.18
CA LEU A 175 10.55 -27.42 3.53
C LEU A 175 10.28 -26.62 2.29
N ILE A 176 9.11 -26.01 2.26
CA ILE A 176 8.72 -25.11 1.20
C ILE A 176 8.44 -23.77 1.88
N ILE A 177 9.24 -22.79 1.53
CA ILE A 177 9.26 -21.55 2.27
C ILE A 177 8.86 -20.39 1.40
N ASN A 178 7.81 -19.70 1.81
CA ASN A 178 7.38 -18.51 1.12
C ASN A 178 8.03 -17.22 1.65
N ALA A 179 9.15 -16.80 1.07
CA ALA A 179 9.80 -15.56 1.47
C ALA A 179 9.67 -14.48 0.38
N THR A 180 8.53 -14.46 -0.28
CA THR A 180 8.28 -13.44 -1.32
C THR A 180 7.49 -12.28 -0.71
N SER A 181 7.19 -11.25 -1.52
CA SER A 181 6.23 -10.22 -1.10
C SER A 181 4.89 -10.45 -1.78
N GLU A 187 -2.48 -13.00 -3.79
CA GLU A 187 -2.18 -13.99 -4.82
C GLU A 187 -1.23 -15.08 -4.29
N LEU A 188 -1.26 -16.24 -4.95
CA LEU A 188 -0.33 -17.34 -4.69
C LEU A 188 0.99 -16.98 -5.33
N PRO A 189 2.12 -17.49 -4.79
CA PRO A 189 3.44 -17.15 -5.36
C PRO A 189 3.85 -18.10 -6.50
N LEU A 190 3.06 -19.14 -6.73
CA LEU A 190 3.22 -20.01 -7.89
C LEU A 190 1.89 -20.50 -8.45
N ASN A 191 1.97 -21.05 -9.66
CA ASN A 191 0.92 -21.84 -10.27
C ASN A 191 0.37 -22.77 -9.21
N LYS A 192 -0.95 -22.72 -9.02
CA LYS A 192 -1.64 -23.50 -8.02
C LYS A 192 -1.29 -25.00 -8.02
N GLU A 193 -1.23 -25.60 -9.21
CA GLU A 193 -0.98 -27.04 -9.31
C GLU A 193 0.47 -27.41 -8.99
N VAL A 194 1.39 -26.55 -9.40
CA VAL A 194 2.79 -26.66 -9.02
C VAL A 194 2.91 -26.62 -7.49
N LEU A 195 2.29 -25.61 -6.88
CA LEU A 195 2.35 -25.48 -5.43
C LEU A 195 1.74 -26.73 -4.76
N LYS A 196 0.62 -27.21 -5.32
CA LYS A 196 -0.03 -28.46 -4.87
C LYS A 196 0.85 -29.73 -4.82
N GLY A 197 1.63 -29.98 -5.87
CA GLY A 197 2.54 -31.13 -5.85
C GLY A 197 3.68 -30.94 -4.85
N TYR A 198 4.11 -29.70 -4.67
CA TYR A 198 5.10 -29.43 -3.66
C TYR A 198 4.57 -29.81 -2.29
N PHE A 199 3.36 -29.32 -1.97
CA PHE A 199 2.71 -29.63 -0.70
C PHE A 199 2.42 -31.11 -0.50
N LYS A 200 1.98 -31.79 -1.55
CA LYS A 200 1.64 -33.21 -1.46
C LYS A 200 2.81 -34.03 -0.93
N GLU A 201 4.01 -33.66 -1.37
CA GLU A 201 5.23 -34.37 -1.03
C GLU A 201 6.09 -33.65 0.00
N GLY A 202 5.68 -32.45 0.42
CA GLY A 202 6.49 -31.68 1.34
C GLY A 202 6.22 -32.04 2.78
N LYS A 203 7.11 -31.64 3.68
CA LYS A 203 6.87 -31.91 5.10
C LYS A 203 6.37 -30.69 5.87
N LEU A 204 6.77 -29.50 5.45
CA LEU A 204 6.31 -28.27 6.12
C LEU A 204 6.21 -27.09 5.16
N ALA A 205 5.05 -26.46 5.12
CA ALA A 205 4.87 -25.21 4.39
C ALA A 205 5.06 -24.10 5.37
N TYR A 206 6.00 -23.21 5.06
CA TYR A 206 6.43 -22.18 6.00
C TYR A 206 6.32 -20.82 5.31
N ASP A 207 5.52 -19.93 5.88
CA ASP A 207 5.31 -18.59 5.30
C ASP A 207 5.76 -17.52 6.29
N LEU A 208 6.59 -16.58 5.82
CA LEU A 208 7.14 -15.53 6.70
C LEU A 208 6.14 -14.45 7.17
N ALA A 209 5.09 -14.26 6.38
CA ALA A 209 3.98 -13.38 6.75
C ALA A 209 3.34 -13.83 8.07
N TYR A 210 2.82 -12.87 8.81
CA TYR A 210 2.20 -13.18 10.07
C TYR A 210 0.94 -12.34 10.19
N GLY A 211 0.10 -12.63 11.17
CA GLY A 211 -1.04 -11.77 11.47
C GLY A 211 -2.26 -11.87 10.57
N PHE A 212 -2.09 -12.50 9.42
CA PHE A 212 -3.17 -12.82 8.48
C PHE A 212 -2.87 -14.21 7.93
N LEU A 213 -3.80 -14.78 7.17
CA LEU A 213 -3.62 -16.13 6.63
C LEU A 213 -3.52 -16.05 5.11
N THR A 214 -2.31 -16.27 4.60
CA THR A 214 -2.01 -16.06 3.18
C THR A 214 -2.61 -17.16 2.30
N PRO A 215 -2.80 -16.88 0.99
CA PRO A 215 -3.17 -17.92 0.00
C PRO A 215 -2.27 -19.18 0.06
N PHE A 216 -0.96 -18.97 0.14
CA PHE A 216 0.04 -20.04 0.25
C PHE A 216 -0.33 -20.98 1.40
N LEU A 217 -0.60 -20.41 2.56
CA LEU A 217 -0.94 -21.19 3.75
C LEU A 217 -2.32 -21.82 3.74
N SER A 218 -3.31 -21.10 3.18
CA SER A 218 -4.67 -21.63 3.00
C SER A 218 -4.61 -22.86 2.14
N LEU A 219 -3.80 -22.79 1.09
CA LEU A 219 -3.69 -23.92 0.18
C LEU A 219 -3.08 -25.15 0.89
N ALA A 220 -2.02 -24.95 1.67
CA ALA A 220 -1.43 -26.04 2.44
C ALA A 220 -2.41 -26.65 3.46
N LYS A 221 -3.13 -25.76 4.15
CA LYS A 221 -4.09 -26.11 5.15
C LYS A 221 -5.18 -26.97 4.47
N GLU A 222 -5.73 -26.45 3.38
CA GLU A 222 -6.63 -27.16 2.49
C GLU A 222 -6.19 -28.58 2.09
N LEU A 223 -4.90 -28.75 1.79
CA LEU A 223 -4.36 -30.04 1.39
C LEU A 223 -3.80 -30.85 2.55
N LYS A 224 -4.01 -30.39 3.77
CA LYS A 224 -3.53 -31.12 4.95
C LYS A 224 -2.01 -31.22 5.07
N THR A 225 -1.30 -30.26 4.46
CA THR A 225 0.15 -30.18 4.63
C THR A 225 0.40 -29.41 5.92
N PRO A 226 1.30 -29.91 6.78
CA PRO A 226 1.70 -29.15 7.96
C PRO A 226 2.22 -27.76 7.54
N PHE A 227 1.81 -26.75 8.27
CA PHE A 227 2.14 -25.40 7.89
C PHE A 227 2.51 -24.56 9.11
N GLN A 228 3.27 -23.49 8.88
CA GLN A 228 3.66 -22.59 9.95
C GLN A 228 3.74 -21.16 9.43
N ASP A 229 3.16 -20.23 10.15
CA ASP A 229 3.22 -18.84 9.72
C ASP A 229 4.42 -18.13 10.35
N GLY A 230 4.54 -16.82 10.16
CA GLY A 230 5.75 -16.12 10.61
C GLY A 230 5.82 -15.61 12.05
N LYS A 231 4.81 -15.92 12.84
CA LYS A 231 4.70 -15.33 14.19
C LYS A 231 5.90 -15.64 15.11
N ASP A 232 6.26 -16.92 15.22
CA ASP A 232 7.39 -17.36 16.06
C ASP A 232 8.71 -16.73 15.64
N MET A 233 8.96 -16.73 14.33
CA MET A 233 10.16 -16.10 13.80
C MET A 233 10.12 -14.60 14.07
N LEU A 234 8.96 -13.97 13.89
CA LEU A 234 8.81 -12.56 14.29
C LEU A 234 9.28 -12.30 15.74
N ILE A 235 8.80 -13.09 16.67
CA ILE A 235 9.10 -12.86 18.09
C ILE A 235 10.55 -13.16 18.47
N TYR A 236 11.10 -14.27 17.96
CA TYR A 236 12.52 -14.57 18.18
C TYR A 236 13.45 -13.48 17.63
N GLN A 237 13.28 -13.12 16.35
CA GLN A 237 14.11 -12.07 15.76
C GLN A 237 13.96 -10.74 16.48
N ALA A 238 12.74 -10.42 16.93
CA ALA A 238 12.48 -9.21 17.71
C ALA A 238 13.23 -9.25 19.05
N ALA A 239 13.08 -10.36 19.75
CA ALA A 239 13.85 -10.65 20.98
C ALA A 239 15.34 -10.47 20.83
N LEU A 240 15.89 -10.96 19.73
CA LEU A 240 17.30 -10.88 19.43
C LEU A 240 17.73 -9.44 19.15
N SER A 241 16.93 -8.70 18.39
CA SER A 241 17.19 -7.30 18.11
C SER A 241 17.14 -6.49 19.40
N PHE A 242 16.19 -6.83 20.26
CA PHE A 242 16.06 -6.18 21.54
C PHE A 242 17.34 -6.29 22.35
N GLU A 243 17.94 -7.48 22.32
CA GLU A 243 19.18 -7.74 23.04
C GLU A 243 20.21 -6.73 22.56
N LYS A 244 20.32 -6.55 21.26
CA LYS A 244 21.24 -5.56 20.67
C LYS A 244 20.83 -4.13 21.04
N PHE A 245 19.52 -3.89 21.20
CA PHE A 245 19.00 -2.57 21.57
C PHE A 245 19.32 -2.21 23.02
N SER A 246 19.60 -3.21 23.84
CA SER A 246 19.90 -2.98 25.27
C SER A 246 21.40 -2.88 25.58
N ALA A 247 22.24 -2.80 24.54
CA ALA A 247 23.71 -2.85 24.67
C ALA A 247 24.22 -4.25 25.08
N SER A 248 23.39 -5.25 24.79
CA SER A 248 23.58 -6.66 25.18
C SER A 248 23.32 -6.90 26.67
N GLN A 249 22.60 -5.98 27.32
CA GLN A 249 22.32 -6.13 28.76
C GLN A 249 21.11 -7.00 29.13
N ILE A 250 20.07 -7.02 28.31
CA ILE A 250 18.97 -7.98 28.51
C ILE A 250 19.05 -9.13 27.51
N PRO A 251 19.23 -10.38 27.99
CA PRO A 251 19.39 -11.51 27.07
C PRO A 251 18.11 -11.75 26.29
N TYR A 252 18.26 -12.29 25.08
CA TYR A 252 17.12 -12.45 24.19
C TYR A 252 16.01 -13.35 24.77
N SER A 253 16.37 -14.38 25.54
CA SER A 253 15.38 -15.27 26.18
C SER A 253 14.44 -14.53 27.14
N LYS A 254 14.97 -13.53 27.85
CA LYS A 254 14.15 -12.67 28.72
C LYS A 254 13.21 -11.80 27.90
N ALA A 255 13.77 -11.08 26.93
CA ALA A 255 12.98 -10.34 25.95
C ALA A 255 11.90 -11.23 25.31
N PHE A 256 12.27 -12.46 24.96
CA PHE A 256 11.38 -13.35 24.23
C PHE A 256 10.12 -13.70 25.02
N GLU A 257 10.27 -13.99 26.31
CA GLU A 257 9.10 -14.36 27.10
C GLU A 257 8.12 -13.19 27.23
N VAL A 258 8.63 -12.00 27.52
CA VAL A 258 7.77 -10.80 27.54
C VAL A 258 7.05 -10.58 26.20
N MET A 259 7.78 -10.71 25.09
CA MET A 259 7.23 -10.51 23.75
C MET A 259 6.17 -11.55 23.40
N ARG A 260 6.38 -12.80 23.80
CA ARG A 260 5.36 -13.85 23.59
C ARG A 260 4.04 -13.62 24.35
N SER A 261 4.11 -13.33 25.66
CA SER A 261 2.93 -12.96 26.49
C SER A 261 2.05 -11.88 25.88
N VAL A 262 2.65 -10.76 25.44
CA VAL A 262 1.84 -9.65 24.90
C VAL A 262 1.05 -10.02 23.65
N PHE A 263 1.60 -10.91 22.84
CA PHE A 263 1.07 -11.21 21.50
C PHE A 263 -0.18 -12.11 21.51
N MET B 1 2.62 5.84 -36.79
CA MET B 1 2.42 7.32 -36.99
C MET B 1 3.30 8.15 -36.04
N LYS B 2 2.77 8.40 -34.84
CA LYS B 2 3.48 9.04 -33.73
C LYS B 2 2.85 8.56 -32.40
N LEU B 3 3.67 8.48 -31.36
CA LEU B 3 3.22 7.92 -30.08
C LEU B 3 2.98 8.99 -29.03
N LYS B 4 1.92 8.83 -28.24
CA LYS B 4 1.67 9.78 -27.14
C LYS B 4 1.44 9.05 -25.84
N SER B 5 2.03 9.56 -24.77
CA SER B 5 1.99 8.90 -23.45
C SER B 5 0.99 9.52 -22.46
N PHE B 6 0.28 8.65 -21.76
CA PHE B 6 -0.73 9.07 -20.78
C PHE B 6 -0.65 8.17 -19.54
N GLY B 7 -1.15 8.65 -18.41
CA GLY B 7 -1.31 7.78 -17.28
C GLY B 7 -2.22 8.30 -16.19
N VAL B 8 -2.23 7.57 -15.08
CA VAL B 8 -2.97 7.97 -13.92
C VAL B 8 -1.99 7.99 -12.75
N PHE B 9 -1.87 9.14 -12.11
CA PHE B 9 -1.01 9.23 -10.94
C PHE B 9 -1.79 8.87 -9.69
N GLY B 10 -1.24 7.95 -8.89
CA GLY B 10 -1.76 7.71 -7.55
C GLY B 10 -0.85 6.91 -6.64
N ASN B 11 -1.32 6.73 -5.40
CA ASN B 11 -0.67 5.87 -4.39
C ASN B 11 -1.70 5.40 -3.34
N PRO B 12 -2.12 4.13 -3.40
CA PRO B 12 -1.68 3.08 -4.36
C PRO B 12 -2.29 3.29 -5.75
N ILE B 13 -1.81 2.52 -6.74
CA ILE B 13 -2.28 2.63 -8.13
C ILE B 13 -2.67 1.27 -8.80
N LYS B 14 -2.20 0.15 -8.23
CA LYS B 14 -2.36 -1.24 -8.75
C LYS B 14 -3.76 -1.64 -9.21
N HIS B 15 -4.73 -1.25 -8.40
CA HIS B 15 -6.15 -1.57 -8.58
C HIS B 15 -6.86 -0.71 -9.64
N SER B 16 -6.22 0.37 -10.12
CA SER B 16 -6.91 1.31 -11.02
C SER B 16 -7.36 0.65 -12.29
N LYS B 17 -8.56 1.01 -12.74
CA LYS B 17 -9.10 0.46 -13.97
C LYS B 17 -9.06 1.46 -15.12
N SER B 18 -8.48 2.64 -14.87
CA SER B 18 -8.32 3.65 -15.90
C SER B 18 -7.43 3.21 -17.11
N PRO B 19 -6.31 2.50 -16.88
CA PRO B 19 -5.53 2.00 -18.03
C PRO B 19 -6.37 1.15 -18.98
N LEU B 20 -7.13 0.23 -18.41
CA LEU B 20 -8.00 -0.66 -19.17
C LEU B 20 -8.89 0.13 -20.11
N ILE B 21 -9.64 1.08 -19.55
CA ILE B 21 -10.67 1.77 -20.34
C ILE B 21 -10.11 2.86 -21.24
N HIS B 22 -9.01 3.47 -20.83
CA HIS B 22 -8.39 4.46 -21.69
C HIS B 22 -7.59 3.85 -22.87
N ASN B 23 -6.88 2.75 -22.64
CA ASN B 23 -6.16 2.08 -23.72
C ASN B 23 -7.11 1.52 -24.76
N ALA B 24 -8.25 1.02 -24.32
CA ALA B 24 -9.23 0.52 -25.27
C ALA B 24 -9.75 1.66 -26.17
N CYS B 25 -9.86 2.87 -25.63
CA CYS B 25 -10.34 4.01 -26.43
C CYS B 25 -9.29 4.50 -27.40
N PHE B 26 -8.03 4.54 -26.93
CA PHE B 26 -6.93 5.02 -27.78
C PHE B 26 -6.78 4.11 -29.03
N LEU B 27 -7.15 2.84 -28.89
CA LEU B 27 -7.16 1.89 -29.99
C LEU B 27 -8.39 2.16 -30.90
N THR B 28 -9.60 2.06 -30.34
CA THR B 28 -10.83 2.34 -31.08
C THR B 28 -10.80 3.60 -31.95
N PHE B 29 -10.22 4.69 -31.43
CA PHE B 29 -10.26 6.00 -32.07
C PHE B 29 -8.96 6.47 -32.68
N GLN B 30 -8.04 5.56 -32.95
CA GLN B 30 -6.71 6.01 -33.41
C GLN B 30 -6.71 6.74 -34.76
N LYS B 31 -7.59 6.35 -35.69
CA LYS B 31 -7.68 7.09 -36.96
C LYS B 31 -8.16 8.53 -36.73
N GLU B 32 -9.28 8.68 -36.01
CA GLU B 32 -9.77 10.03 -35.64
C GLU B 32 -8.74 10.87 -34.90
N LEU B 33 -8.00 10.24 -33.98
CA LEU B 33 -6.97 10.91 -33.18
C LEU B 33 -5.71 11.23 -33.98
N ARG B 34 -5.33 10.28 -34.85
CA ARG B 34 -4.12 10.38 -35.67
C ARG B 34 -2.86 10.33 -34.80
N PHE B 35 -2.93 9.52 -33.76
CA PHE B 35 -1.77 9.16 -32.97
C PHE B 35 -2.08 7.87 -32.22
N LEU B 36 -1.03 7.20 -31.77
CA LEU B 36 -1.12 5.94 -31.06
C LEU B 36 -0.97 6.27 -29.57
N GLY B 37 -2.06 6.13 -28.81
CA GLY B 37 -2.04 6.48 -27.39
C GLY B 37 -1.83 5.28 -26.51
N HIS B 38 -1.11 5.48 -25.41
CA HIS B 38 -0.96 4.43 -24.40
C HIS B 38 -1.07 5.03 -23.01
N TYR B 39 -1.77 4.31 -22.12
CA TYR B 39 -2.10 4.80 -20.79
C TYR B 39 -1.58 3.86 -19.70
N HIS B 40 -0.72 4.37 -18.82
CA HIS B 40 -0.03 3.53 -17.81
C HIS B 40 -0.46 3.89 -16.39
N PRO B 41 -0.50 2.89 -15.50
CA PRO B 41 -0.63 3.23 -14.09
C PRO B 41 0.72 3.72 -13.56
N ILE B 42 0.74 4.86 -12.88
CA ILE B 42 1.99 5.45 -12.45
C ILE B 42 1.95 5.71 -10.94
N LEU B 43 2.50 4.78 -10.15
CA LEU B 43 2.68 5.03 -8.69
C LEU B 43 3.58 6.25 -8.53
N LEU B 44 3.16 7.21 -7.70
CA LEU B 44 4.03 8.31 -7.27
C LEU B 44 4.25 8.25 -5.75
N PRO B 45 5.44 8.70 -5.29
CA PRO B 45 5.72 8.87 -3.86
C PRO B 45 4.72 9.82 -3.22
N LEU B 46 4.45 9.61 -1.93
CA LEU B 46 3.46 10.37 -1.16
C LEU B 46 3.73 11.87 -1.12
N GLU B 47 4.99 12.26 -1.25
CA GLU B 47 5.37 13.65 -1.19
C GLU B 47 5.57 14.33 -2.54
N SER B 48 5.28 13.63 -3.63
CA SER B 48 5.51 14.15 -4.97
C SER B 48 4.66 15.38 -5.27
N HIS B 49 5.17 16.25 -6.11
CA HIS B 49 4.42 17.41 -6.55
C HIS B 49 3.87 17.33 -7.93
N ILE B 50 3.95 16.17 -8.52
CA ILE B 50 3.35 15.83 -9.78
C ILE B 50 3.92 16.40 -11.05
N LYS B 51 4.07 17.70 -11.16
CA LYS B 51 4.42 18.33 -12.38
C LYS B 51 5.74 17.92 -12.98
N SER B 52 6.79 17.84 -12.18
CA SER B 52 8.09 17.35 -12.66
C SER B 52 8.02 15.97 -13.30
N GLU B 53 7.32 15.04 -12.64
CA GLU B 53 7.18 13.69 -13.18
C GLU B 53 6.36 13.72 -14.46
N PHE B 54 5.33 14.57 -14.50
CA PHE B 54 4.54 14.72 -15.70
C PHE B 54 5.44 15.05 -16.90
N LEU B 55 6.31 16.03 -16.73
CA LEU B 55 7.21 16.51 -17.78
C LEU B 55 8.31 15.50 -18.09
N HIS B 56 9.06 15.12 -17.05
CA HIS B 56 10.15 14.16 -17.20
C HIS B 56 9.71 12.91 -17.96
N LEU B 57 8.49 12.45 -17.69
CA LEU B 57 7.92 11.26 -18.35
C LEU B 57 7.40 11.53 -19.77
N GLY B 58 7.22 12.80 -20.14
CA GLY B 58 6.79 13.19 -21.49
C GLY B 58 5.33 12.93 -21.84
N LEU B 59 4.47 13.00 -20.82
CA LEU B 59 3.05 12.70 -21.00
C LEU B 59 2.35 13.75 -21.84
N SER B 60 1.36 13.34 -22.61
CA SER B 60 0.50 14.31 -23.26
C SER B 60 -0.64 14.69 -22.32
N GLY B 61 -0.93 13.84 -21.33
CA GLY B 61 -1.99 14.13 -20.37
C GLY B 61 -2.04 13.02 -19.34
N ALA B 62 -2.78 13.25 -18.25
CA ALA B 62 -2.85 12.25 -17.18
C ALA B 62 -4.11 12.41 -16.33
N ASN B 63 -4.53 11.34 -15.68
CA ASN B 63 -5.52 11.44 -14.61
C ASN B 63 -4.78 11.49 -13.27
N VAL B 64 -5.45 12.02 -12.25
CA VAL B 64 -4.87 12.11 -10.91
C VAL B 64 -5.88 11.54 -9.91
N THR B 65 -5.47 10.55 -9.12
CA THR B 65 -6.30 10.07 -8.03
C THR B 65 -5.66 10.27 -6.65
N LEU B 66 -6.30 9.67 -5.65
CA LEU B 66 -5.86 9.64 -4.27
C LEU B 66 -4.36 9.39 -4.14
N PRO B 67 -3.65 10.24 -3.38
CA PRO B 67 -4.11 11.42 -2.61
C PRO B 67 -3.63 12.76 -3.21
N PHE B 68 -3.62 12.86 -4.54
CA PHE B 68 -2.92 13.97 -5.21
C PHE B 68 -3.81 15.07 -5.82
N LYS B 69 -5.14 14.92 -5.73
CA LYS B 69 -6.06 15.83 -6.44
C LYS B 69 -5.95 17.29 -6.03
N GLU B 70 -5.82 17.56 -4.72
CA GLU B 70 -5.58 18.92 -4.23
C GLU B 70 -4.18 19.41 -4.60
N ARG B 71 -3.15 18.57 -4.43
CA ARG B 71 -1.81 18.93 -4.90
C ARG B 71 -1.81 19.31 -6.37
N ALA B 72 -2.43 18.49 -7.21
CA ALA B 72 -2.56 18.80 -8.65
C ALA B 72 -3.17 20.18 -8.87
N PHE B 73 -4.21 20.48 -8.10
CA PHE B 73 -4.89 21.76 -8.19
C PHE B 73 -3.87 22.87 -7.96
N GLN B 74 -3.00 22.67 -6.97
CA GLN B 74 -1.94 23.64 -6.62
C GLN B 74 -0.81 23.78 -7.64
N VAL B 75 -0.37 22.69 -8.27
CA VAL B 75 0.80 22.76 -9.20
C VAL B 75 0.57 23.23 -10.63
N CYS B 76 -0.62 23.01 -11.18
CA CYS B 76 -0.88 23.36 -12.58
C CYS B 76 -0.52 24.81 -12.89
N ASP B 77 -0.10 25.05 -14.15
CA ASP B 77 0.06 26.41 -14.69
C ASP B 77 -1.23 27.17 -14.91
N LYS B 78 -2.30 26.44 -15.22
CA LYS B 78 -3.57 27.06 -15.53
C LYS B 78 -4.67 26.08 -15.12
N ILE B 79 -5.73 26.61 -14.52
CA ILE B 79 -6.88 25.78 -14.19
C ILE B 79 -8.03 26.25 -15.05
N LYS B 80 -8.78 25.30 -15.62
CA LYS B 80 -9.93 25.63 -16.46
C LYS B 80 -11.15 24.85 -16.07
N GLY B 81 -12.31 25.32 -16.47
CA GLY B 81 -13.55 24.57 -16.32
C GLY B 81 -13.96 24.62 -14.87
N ILE B 82 -14.90 23.75 -14.50
CA ILE B 82 -15.41 23.66 -13.15
C ILE B 82 -14.32 23.40 -12.09
N ALA B 83 -13.16 22.85 -12.51
CA ALA B 83 -12.04 22.63 -11.58
C ALA B 83 -11.77 23.87 -10.72
N LEU B 84 -12.06 25.04 -11.30
CA LEU B 84 -11.82 26.33 -10.62
C LEU B 84 -12.59 26.48 -9.31
N GLU B 85 -13.73 25.79 -9.20
CA GLU B 85 -14.52 25.85 -7.96
C GLU B 85 -14.39 24.56 -7.17
N CYS B 86 -13.69 23.58 -7.71
CA CYS B 86 -13.52 22.27 -7.07
C CYS B 86 -12.37 22.14 -6.06
N GLY B 87 -11.41 23.06 -6.08
CA GLY B 87 -10.26 22.95 -5.17
C GLY B 87 -9.42 21.70 -5.41
N ALA B 88 -9.62 21.06 -6.55
CA ALA B 88 -9.04 19.76 -6.87
C ALA B 88 -8.98 19.52 -8.39
N VAL B 89 -7.95 18.80 -8.81
CA VAL B 89 -7.72 18.45 -10.21
C VAL B 89 -7.48 16.94 -10.40
N ASN B 90 -8.29 16.29 -11.23
CA ASN B 90 -8.06 14.89 -11.55
C ASN B 90 -7.62 14.64 -12.99
N THR B 91 -7.46 15.71 -13.77
CA THR B 91 -7.18 15.60 -15.19
C THR B 91 -6.16 16.65 -15.61
N LEU B 92 -5.05 16.19 -16.19
CA LEU B 92 -3.94 17.07 -16.60
C LEU B 92 -3.74 16.96 -18.09
N VAL B 93 -3.70 18.10 -18.78
CA VAL B 93 -3.39 18.11 -20.20
C VAL B 93 -2.30 19.14 -20.49
N LEU B 94 -1.30 18.73 -21.25
CA LEU B 94 -0.28 19.66 -21.76
C LEU B 94 -0.82 20.44 -22.93
N GLU B 95 -1.23 21.69 -22.70
CA GLU B 95 -1.67 22.58 -23.77
C GLU B 95 -0.70 23.74 -23.95
N ASN B 96 -0.03 23.79 -25.08
CA ASN B 96 0.92 24.82 -25.39
C ASN B 96 2.09 24.82 -24.47
N ASP B 97 2.47 23.64 -24.07
CA ASP B 97 3.57 23.46 -23.14
C ASP B 97 3.25 23.95 -21.75
N GLU B 98 2.00 24.20 -21.51
CA GLU B 98 1.58 24.59 -20.23
C GLU B 98 0.84 23.43 -19.64
N LEU B 99 1.03 23.20 -18.36
CA LEU B 99 0.27 22.20 -17.63
C LEU B 99 -1.08 22.78 -17.21
N VAL B 100 -2.16 22.27 -17.80
CA VAL B 100 -3.51 22.78 -17.55
C VAL B 100 -4.30 21.73 -16.78
N GLY B 101 -5.00 22.15 -15.74
CA GLY B 101 -5.75 21.22 -14.91
C GLY B 101 -7.24 21.33 -15.16
N TYR B 102 -7.89 20.17 -15.23
CA TYR B 102 -9.35 20.08 -15.22
C TYR B 102 -9.86 19.17 -14.11
N ASN B 103 -11.17 19.20 -13.90
CA ASN B 103 -11.83 18.29 -13.00
C ASN B 103 -13.03 17.64 -13.70
N THR B 104 -12.96 16.33 -13.86
CA THR B 104 -14.07 15.61 -14.47
C THR B 104 -14.81 14.77 -13.43
N ASP B 105 -14.39 14.88 -12.18
CA ASP B 105 -15.07 14.18 -11.07
C ASP B 105 -16.46 14.79 -10.87
N ALA B 106 -16.53 16.10 -10.99
CA ALA B 106 -17.76 16.86 -10.72
C ALA B 106 -18.93 16.44 -11.60
N LEU B 107 -18.79 16.58 -12.92
CA LEU B 107 -19.80 16.13 -13.87
C LEU B 107 -19.95 14.59 -13.93
N GLY B 108 -18.83 13.86 -13.82
CA GLY B 108 -18.87 12.41 -13.81
C GLY B 108 -19.68 11.86 -12.66
N PHE B 109 -19.61 12.53 -11.51
CA PHE B 109 -20.46 12.16 -10.40
C PHE B 109 -21.95 12.36 -10.76
N TYR B 110 -22.23 13.53 -11.33
CA TYR B 110 -23.60 13.97 -11.59
C TYR B 110 -24.24 13.08 -12.63
N LEU B 111 -23.49 12.79 -13.70
CA LEU B 111 -23.97 11.84 -14.73
C LEU B 111 -24.28 10.45 -14.16
N SER B 112 -23.53 10.04 -13.13
CA SER B 112 -23.73 8.72 -12.53
C SER B 112 -25.00 8.61 -11.68
N LEU B 113 -25.63 9.75 -11.38
CA LEU B 113 -26.79 9.84 -10.52
C LEU B 113 -28.06 9.91 -11.34
N LYS B 114 -28.96 8.96 -11.13
CA LYS B 114 -30.27 9.06 -11.80
C LYS B 114 -31.39 9.46 -10.83
N TYR B 118 -33.69 13.65 -4.46
CA TYR B 118 -32.74 13.85 -3.36
C TYR B 118 -32.65 15.33 -2.98
N GLN B 119 -32.86 15.62 -1.70
CA GLN B 119 -32.98 16.99 -1.21
C GLN B 119 -31.72 17.49 -0.47
N ASN B 120 -31.03 16.60 0.23
CA ASN B 120 -29.84 16.95 0.97
C ASN B 120 -28.86 15.80 1.00
N ALA B 121 -27.60 16.12 1.30
CA ALA B 121 -26.57 15.10 1.30
C ALA B 121 -25.59 15.15 2.47
N LEU B 122 -25.14 13.96 2.88
CA LEU B 122 -24.08 13.85 3.85
C LEU B 122 -22.87 13.27 3.16
N ILE B 123 -21.73 13.97 3.26
CA ILE B 123 -20.49 13.47 2.65
C ILE B 123 -19.51 13.13 3.76
N LEU B 124 -19.00 11.90 3.74
CA LEU B 124 -17.90 11.46 4.60
C LEU B 124 -16.61 11.62 3.85
N GLY B 125 -15.69 12.46 4.33
CA GLY B 125 -14.40 12.65 3.67
C GLY B 125 -14.09 14.08 3.28
N ALA B 126 -12.81 14.41 3.14
CA ALA B 126 -12.47 15.80 2.78
C ALA B 126 -11.43 15.99 1.71
N GLY B 127 -11.06 14.92 1.04
CA GLY B 127 -10.09 15.03 -0.06
C GLY B 127 -10.71 15.52 -1.36
N GLY B 128 -10.03 15.21 -2.46
CA GLY B 128 -10.35 15.77 -3.78
C GLY B 128 -11.73 15.43 -4.29
N SER B 129 -12.12 14.16 -4.18
CA SER B 129 -13.45 13.69 -4.62
C SER B 129 -14.58 14.33 -3.81
N ALA B 130 -14.43 14.35 -2.48
CA ALA B 130 -15.36 15.06 -1.59
C ALA B 130 -15.53 16.52 -1.99
N LYS B 131 -14.44 17.21 -2.31
CA LYS B 131 -14.51 18.60 -2.73
C LYS B 131 -15.30 18.79 -4.02
N ALA B 132 -15.07 17.94 -5.02
CA ALA B 132 -15.84 17.98 -6.28
C ALA B 132 -17.32 17.60 -6.11
N LEU B 133 -17.58 16.57 -5.30
CA LEU B 133 -18.99 16.22 -5.03
C LEU B 133 -19.78 17.32 -4.30
N ALA B 134 -19.13 17.98 -3.35
CA ALA B 134 -19.76 19.07 -2.61
C ALA B 134 -20.05 20.26 -3.50
N CYS B 135 -19.10 20.61 -4.36
CA CYS B 135 -19.30 21.73 -5.27
C CYS B 135 -20.46 21.48 -6.21
N GLU B 136 -20.51 20.26 -6.74
CA GLU B 136 -21.55 19.86 -7.67
C GLU B 136 -22.90 19.72 -6.97
N LEU B 137 -22.93 19.17 -5.75
CA LEU B 137 -24.21 19.02 -5.10
C LEU B 137 -24.78 20.37 -4.72
N LYS B 138 -23.93 21.31 -4.34
CA LYS B 138 -24.40 22.66 -4.00
C LYS B 138 -24.95 23.36 -5.23
N LYS B 139 -24.32 23.10 -6.38
CA LYS B 139 -24.71 23.71 -7.63
C LYS B 139 -26.12 23.23 -8.00
N GLN B 140 -26.45 21.98 -7.65
CA GLN B 140 -27.80 21.44 -7.80
C GLN B 140 -28.82 21.96 -6.76
N GLY B 141 -28.38 22.81 -5.83
CA GLY B 141 -29.28 23.37 -4.83
C GLY B 141 -29.71 22.44 -3.69
N LEU B 142 -29.01 21.34 -3.46
CA LEU B 142 -29.24 20.51 -2.27
C LEU B 142 -28.51 21.11 -1.09
N GLN B 143 -28.98 20.80 0.12
CA GLN B 143 -28.21 21.11 1.33
C GLN B 143 -27.10 20.07 1.46
N VAL B 144 -25.91 20.52 1.84
CA VAL B 144 -24.77 19.61 1.94
C VAL B 144 -24.07 19.69 3.29
N SER B 145 -23.90 18.54 3.92
CA SER B 145 -23.14 18.42 5.15
C SER B 145 -21.92 17.54 4.93
N VAL B 146 -20.78 17.93 5.53
CA VAL B 146 -19.49 17.27 5.39
C VAL B 146 -19.03 16.80 6.78
N LEU B 147 -18.63 15.54 6.86
CA LEU B 147 -18.29 14.92 8.13
C LEU B 147 -16.89 14.29 8.07
N ASN B 148 -16.00 14.81 8.92
CA ASN B 148 -14.60 14.32 9.05
C ASN B 148 -14.14 14.28 10.53
N ARG B 149 -13.04 13.56 10.79
CA ARG B 149 -12.35 13.62 12.11
C ARG B 149 -11.58 14.94 12.27
N SER B 150 -10.80 15.30 11.25
CA SER B 150 -10.04 16.55 11.23
C SER B 150 -10.89 17.80 10.97
N SER B 151 -10.34 18.96 11.33
CA SER B 151 -10.87 20.25 10.87
C SER B 151 -10.29 20.70 9.51
N ARG B 152 -9.50 19.85 8.84
CA ARG B 152 -8.87 20.23 7.57
C ARG B 152 -9.82 20.24 6.37
N GLY B 153 -9.75 21.33 5.61
CA GLY B 153 -10.67 21.56 4.49
C GLY B 153 -11.85 22.41 4.90
N LEU B 154 -11.99 22.70 6.18
CA LEU B 154 -13.09 23.56 6.64
C LEU B 154 -13.33 24.72 5.68
N ASP B 155 -12.30 25.51 5.37
CA ASP B 155 -12.45 26.74 4.58
C ASP B 155 -13.21 26.46 3.30
N PHE B 156 -12.77 25.45 2.55
CA PHE B 156 -13.34 25.14 1.26
C PHE B 156 -14.85 24.80 1.29
N PHE B 157 -15.22 23.83 2.11
CA PHE B 157 -16.63 23.44 2.23
C PHE B 157 -17.54 24.56 2.78
N GLN B 158 -17.03 25.31 3.74
CA GLN B 158 -17.74 26.46 4.28
C GLN B 158 -18.00 27.60 3.28
N ARG B 159 -17.01 28.00 2.48
CA ARG B 159 -17.23 29.08 1.46
C ARG B 159 -18.27 28.67 0.42
N LEU B 160 -18.35 27.36 0.20
CA LEU B 160 -19.39 26.75 -0.61
C LEU B 160 -20.76 26.78 0.03
N GLY B 161 -20.82 26.98 1.37
CA GLY B 161 -22.09 26.96 2.10
C GLY B 161 -22.52 25.59 2.63
N CYS B 162 -21.58 24.66 2.80
CA CYS B 162 -21.88 23.38 3.45
C CYS B 162 -21.87 23.51 4.98
N ASP B 163 -22.68 22.69 5.64
CA ASP B 163 -22.62 22.55 7.10
C ASP B 163 -21.52 21.55 7.44
N CYS B 164 -20.53 21.97 8.24
CA CYS B 164 -19.40 21.10 8.55
C CYS B 164 -19.43 20.58 9.98
N PHE B 165 -19.05 19.33 10.13
CA PHE B 165 -19.25 18.58 11.36
C PHE B 165 -18.04 17.67 11.60
N MET B 166 -17.72 17.48 12.87
CA MET B 166 -16.73 16.50 13.30
C MET B 166 -17.43 15.33 14.04
N GLU B 167 -18.54 15.66 14.71
CA GLU B 167 -19.43 14.67 15.33
C GLU B 167 -20.67 14.50 14.47
N PRO B 168 -21.11 13.25 14.28
CA PRO B 168 -22.22 12.94 13.37
C PRO B 168 -23.48 13.69 13.74
N PRO B 169 -24.02 14.48 12.79
CA PRO B 169 -25.25 15.22 13.04
C PRO B 169 -26.46 14.28 13.15
N LYS B 170 -27.36 14.59 14.08
CA LYS B 170 -28.56 13.79 14.34
C LYS B 170 -29.68 14.30 13.44
N SER B 171 -29.69 13.79 12.22
CA SER B 171 -30.48 14.37 11.16
C SER B 171 -30.69 13.34 10.06
N ALA B 172 -31.71 13.56 9.23
CA ALA B 172 -31.95 12.71 8.09
C ALA B 172 -31.24 13.21 6.84
N PHE B 173 -30.70 12.28 6.04
CA PHE B 173 -30.02 12.62 4.78
C PHE B 173 -30.51 11.74 3.64
N ASP B 174 -30.76 12.33 2.49
CA ASP B 174 -31.21 11.54 1.34
C ASP B 174 -30.04 10.74 0.75
N LEU B 175 -28.95 11.47 0.48
CA LEU B 175 -27.71 10.89 -0.03
C LEU B 175 -26.68 10.76 1.07
N ILE B 176 -26.12 9.57 1.21
CA ILE B 176 -25.03 9.30 2.16
C ILE B 176 -23.82 8.84 1.33
N ILE B 177 -22.78 9.65 1.29
CA ILE B 177 -21.69 9.43 0.35
C ILE B 177 -20.39 9.09 1.09
N ASN B 178 -19.88 7.90 0.83
CA ASN B 178 -18.55 7.52 1.30
C ASN B 178 -17.43 8.00 0.36
N ALA B 179 -16.79 9.10 0.74
CA ALA B 179 -15.63 9.58 0.00
C ALA B 179 -14.34 9.57 0.86
N THR B 180 -14.26 8.61 1.78
CA THR B 180 -13.00 8.28 2.45
C THR B 180 -12.39 7.06 1.71
N SER B 181 -11.41 6.39 2.34
CA SER B 181 -10.96 5.02 1.92
C SER B 181 -10.25 4.25 3.04
N GLU B 187 -11.99 -0.35 7.03
CA GLU B 187 -13.21 -0.81 7.69
C GLU B 187 -14.39 0.10 7.31
N LEU B 188 -15.36 0.20 8.23
CA LEU B 188 -16.45 1.17 8.13
C LEU B 188 -15.91 2.58 8.47
N PRO B 189 -16.32 3.60 7.70
CA PRO B 189 -15.83 4.98 7.92
C PRO B 189 -16.41 5.66 9.17
N LEU B 190 -17.54 5.14 9.64
CA LEU B 190 -18.15 5.53 10.91
C LEU B 190 -18.55 4.28 11.69
N ASN B 191 -18.80 4.45 12.99
CA ASN B 191 -19.38 3.40 13.80
C ASN B 191 -20.62 2.81 13.13
N LYS B 192 -20.69 1.47 13.07
CA LYS B 192 -21.78 0.73 12.43
C LYS B 192 -23.17 1.23 12.78
N GLU B 193 -23.40 1.46 14.08
CA GLU B 193 -24.70 1.84 14.63
C GLU B 193 -25.21 3.17 14.07
N VAL B 194 -24.34 4.19 14.13
CA VAL B 194 -24.57 5.51 13.55
C VAL B 194 -24.90 5.42 12.05
N LEU B 195 -24.15 4.57 11.34
CA LEU B 195 -24.35 4.32 9.91
C LEU B 195 -25.70 3.64 9.58
N LYS B 196 -26.05 2.59 10.33
CA LYS B 196 -27.37 1.96 10.18
C LYS B 196 -28.49 3.01 10.31
N GLY B 197 -28.33 3.92 11.28
CA GLY B 197 -29.28 5.00 11.51
C GLY B 197 -29.41 5.91 10.30
N TYR B 198 -28.28 6.30 9.73
CA TYR B 198 -28.33 7.06 8.51
C TYR B 198 -28.93 6.24 7.38
N PHE B 199 -28.55 4.96 7.31
CA PHE B 199 -29.08 4.10 6.25
C PHE B 199 -30.60 3.88 6.35
N LYS B 200 -31.09 3.65 7.56
CA LYS B 200 -32.54 3.45 7.77
C LYS B 200 -33.40 4.65 7.36
N GLU B 201 -32.86 5.86 7.54
CA GLU B 201 -33.61 7.07 7.18
C GLU B 201 -33.21 7.65 5.82
N GLY B 202 -32.27 6.98 5.11
CA GLY B 202 -31.69 7.50 3.85
C GLY B 202 -32.23 6.88 2.58
N LYS B 203 -32.06 7.56 1.44
CA LYS B 203 -32.56 7.07 0.15
C LYS B 203 -31.51 6.45 -0.79
N LEU B 204 -30.25 6.88 -0.68
CA LEU B 204 -29.16 6.29 -1.47
C LEU B 204 -27.83 6.28 -0.73
N ALA B 205 -27.23 5.10 -0.66
CA ALA B 205 -25.90 4.95 -0.11
C ALA B 205 -24.87 4.83 -1.26
N TYR B 206 -24.05 5.86 -1.39
CA TYR B 206 -23.13 5.99 -2.49
C TYR B 206 -21.69 5.91 -1.98
N ASP B 207 -20.98 4.87 -2.39
CA ASP B 207 -19.55 4.71 -2.10
C ASP B 207 -18.74 4.98 -3.37
N LEU B 208 -17.64 5.71 -3.24
CA LEU B 208 -16.76 6.05 -4.38
C LEU B 208 -15.80 4.94 -4.85
N ALA B 209 -15.51 3.99 -3.95
CA ALA B 209 -14.75 2.78 -4.27
C ALA B 209 -15.46 1.93 -5.34
N TYR B 210 -14.68 1.37 -6.26
CA TYR B 210 -15.30 0.65 -7.39
C TYR B 210 -14.90 -0.81 -7.63
N GLY B 211 -13.92 -1.33 -6.92
CA GLY B 211 -13.51 -2.70 -7.22
C GLY B 211 -14.38 -3.71 -6.50
N PHE B 212 -14.19 -3.73 -5.20
CA PHE B 212 -14.64 -4.74 -4.30
C PHE B 212 -15.79 -4.14 -3.49
N LEU B 213 -16.90 -4.87 -3.35
CA LEU B 213 -18.02 -4.48 -2.47
C LEU B 213 -17.52 -4.12 -1.06
N THR B 214 -17.77 -2.88 -0.64
CA THR B 214 -17.23 -2.36 0.63
C THR B 214 -18.10 -2.65 1.86
N PRO B 215 -17.49 -2.70 3.05
CA PRO B 215 -18.26 -2.82 4.28
C PRO B 215 -19.46 -1.88 4.28
N PHE B 216 -19.20 -0.59 4.02
CA PHE B 216 -20.22 0.48 3.87
C PHE B 216 -21.39 0.10 2.96
N LEU B 217 -21.06 -0.57 1.85
CA LEU B 217 -22.07 -0.98 0.90
C LEU B 217 -22.79 -2.28 1.31
N SER B 218 -22.07 -3.22 1.90
CA SER B 218 -22.67 -4.47 2.44
C SER B 218 -23.74 -4.12 3.47
N LEU B 219 -23.36 -3.25 4.40
CA LEU B 219 -24.28 -2.68 5.37
C LEU B 219 -25.52 -2.07 4.71
N ALA B 220 -25.36 -1.27 3.65
CA ALA B 220 -26.53 -0.67 3.00
C ALA B 220 -27.46 -1.74 2.38
N LYS B 221 -26.85 -2.80 1.86
CA LYS B 221 -27.53 -3.92 1.23
C LYS B 221 -28.28 -4.72 2.30
N GLU B 222 -27.54 -5.12 3.34
CA GLU B 222 -28.07 -5.73 4.57
C GLU B 222 -29.34 -5.05 5.12
N LEU B 223 -29.32 -3.72 5.25
CA LEU B 223 -30.47 -2.94 5.71
C LEU B 223 -31.46 -2.66 4.59
N LYS B 224 -31.20 -3.26 3.42
CA LYS B 224 -32.00 -3.11 2.20
C LYS B 224 -32.16 -1.65 1.74
N THR B 225 -31.16 -0.82 2.02
CA THR B 225 -31.10 0.59 1.60
C THR B 225 -30.54 0.63 0.19
N PRO B 226 -31.18 1.37 -0.72
CA PRO B 226 -30.67 1.48 -2.09
C PRO B 226 -29.23 2.03 -2.15
N PHE B 227 -28.42 1.48 -3.05
CA PHE B 227 -26.98 1.73 -3.01
C PHE B 227 -26.36 1.81 -4.42
N GLN B 228 -25.09 2.24 -4.46
CA GLN B 228 -24.34 2.41 -5.71
C GLN B 228 -22.86 2.53 -5.42
N ASP B 229 -22.04 1.85 -6.21
CA ASP B 229 -20.59 1.94 -6.06
C ASP B 229 -19.99 2.94 -7.08
N GLY B 230 -18.66 3.05 -7.12
CA GLY B 230 -18.03 4.08 -7.93
C GLY B 230 -17.92 3.81 -9.42
N LYS B 231 -18.41 2.66 -9.85
CA LYS B 231 -18.27 2.19 -11.23
C LYS B 231 -18.74 3.23 -12.26
N ASP B 232 -19.98 3.70 -12.15
CA ASP B 232 -20.50 4.62 -13.16
C ASP B 232 -19.76 5.96 -13.14
N MET B 233 -19.46 6.49 -11.96
CA MET B 233 -18.67 7.71 -11.86
C MET B 233 -17.30 7.55 -12.51
N LEU B 234 -16.63 6.44 -12.19
CA LEU B 234 -15.37 6.09 -12.84
C LEU B 234 -15.44 6.25 -14.37
N ILE B 235 -16.43 5.64 -14.99
CA ILE B 235 -16.48 5.63 -16.45
C ILE B 235 -16.93 6.98 -17.02
N TYR B 236 -17.86 7.64 -16.34
CA TYR B 236 -18.21 9.00 -16.75
C TYR B 236 -17.02 9.94 -16.66
N GLN B 237 -16.31 9.94 -15.53
CA GLN B 237 -15.15 10.85 -15.38
C GLN B 237 -14.05 10.51 -16.37
N ALA B 238 -13.81 9.23 -16.61
CA ALA B 238 -12.81 8.75 -17.59
C ALA B 238 -13.18 9.23 -18.99
N ALA B 239 -14.41 8.96 -19.40
CA ALA B 239 -14.93 9.38 -20.71
C ALA B 239 -14.67 10.84 -20.92
N LEU B 240 -15.03 11.67 -19.94
CA LEU B 240 -14.85 13.12 -20.04
C LEU B 240 -13.37 13.52 -20.07
N SER B 241 -12.53 12.80 -19.32
CA SER B 241 -11.09 13.06 -19.42
C SER B 241 -10.59 12.71 -20.84
N PHE B 242 -11.19 11.69 -21.45
CA PHE B 242 -10.71 11.24 -22.75
C PHE B 242 -10.96 12.29 -23.82
N GLU B 243 -12.11 12.94 -23.70
CA GLU B 243 -12.46 14.11 -24.49
C GLU B 243 -11.36 15.15 -24.38
N LYS B 244 -10.99 15.54 -23.16
CA LYS B 244 -9.96 16.56 -22.98
C LYS B 244 -8.59 16.10 -23.52
N PHE B 245 -8.28 14.80 -23.39
CA PHE B 245 -7.03 14.23 -23.92
C PHE B 245 -7.00 14.33 -25.45
N SER B 246 -8.13 14.02 -26.09
CA SER B 246 -8.28 14.15 -27.54
C SER B 246 -8.42 15.61 -27.97
N ALA B 247 -8.04 16.55 -27.12
CA ALA B 247 -8.35 17.98 -27.32
C ALA B 247 -9.81 18.23 -27.82
N SER B 248 -10.77 17.60 -27.14
CA SER B 248 -12.20 17.67 -27.47
C SER B 248 -12.54 17.08 -28.84
N GLN B 249 -11.64 16.27 -29.40
CA GLN B 249 -11.90 15.62 -30.69
C GLN B 249 -12.89 14.47 -30.65
N ILE B 250 -12.90 13.71 -29.56
CA ILE B 250 -13.90 12.68 -29.37
C ILE B 250 -14.80 13.14 -28.23
N PRO B 251 -16.14 13.14 -28.44
CA PRO B 251 -17.04 13.55 -27.36
C PRO B 251 -17.22 12.43 -26.34
N TYR B 252 -17.47 12.84 -25.09
CA TYR B 252 -17.47 11.93 -23.96
C TYR B 252 -18.49 10.79 -24.08
N SER B 253 -19.57 11.04 -24.81
CA SER B 253 -20.58 10.00 -25.01
C SER B 253 -20.05 8.84 -25.83
N LYS B 254 -19.20 9.12 -26.80
CA LYS B 254 -18.67 8.09 -27.70
C LYS B 254 -17.52 7.31 -27.04
N ALA B 255 -16.72 8.00 -26.22
CA ALA B 255 -15.78 7.34 -25.30
C ALA B 255 -16.49 6.51 -24.23
N PHE B 256 -17.54 7.05 -23.61
CA PHE B 256 -18.23 6.36 -22.49
C PHE B 256 -18.69 4.95 -22.87
N GLU B 257 -19.45 4.88 -23.96
CA GLU B 257 -20.00 3.64 -24.52
C GLU B 257 -18.93 2.56 -24.80
N VAL B 258 -17.78 2.97 -25.34
CA VAL B 258 -16.67 2.05 -25.51
C VAL B 258 -16.09 1.63 -24.14
N MET B 259 -15.97 2.58 -23.22
CA MET B 259 -15.37 2.34 -21.91
C MET B 259 -16.25 1.40 -21.07
N ARG B 260 -17.57 1.53 -21.24
CA ARG B 260 -18.54 0.60 -20.67
C ARG B 260 -18.29 -0.84 -21.12
N SER B 261 -18.23 -1.04 -22.46
CA SER B 261 -17.93 -2.34 -23.09
C SER B 261 -16.79 -3.07 -22.39
N VAL B 262 -15.62 -2.44 -22.39
CA VAL B 262 -14.42 -3.08 -21.86
C VAL B 262 -14.47 -3.41 -20.38
N PHE B 263 -15.18 -2.62 -19.59
CA PHE B 263 -15.13 -2.78 -18.13
C PHE B 263 -15.63 -4.14 -17.61
#